data_9KV0
#
_entry.id   9KV0
#
_cell.length_a   1.00
_cell.length_b   1.00
_cell.length_c   1.00
_cell.angle_alpha   90.00
_cell.angle_beta   90.00
_cell.angle_gamma   90.00
#
_symmetry.space_group_name_H-M   'P 1'
#
loop_
_entity.id
_entity.type
_entity.pdbx_description
1 polymer 'Glucose-6-phosphate exchanger SLC37A4'
2 non-polymer '(1S,3R,4R,5R)-3-[(E)-3-[3,4-bis(oxidanyl)phenyl]prop-2-enoyl]oxy-1,4,5-tris(oxidanyl)cyclohexane-1-carboxylic acid'
#
_entity_poly.entity_id   1
_entity_poly.type   'polypeptide(L)'
_entity_poly.pdbx_seq_one_letter_code
;MAAQGYGYYRTVIFSAMFGGYSLYYFNRKTFSFVMPSLVEEIPLDKDDLGFITSSQSAAYAISKFVSGVLSDQMSARWLF
SSGLLLVGLVNIFFAWSSTVPVFAALWFLNGLAQGLGWPPCGKVLRKWFEPSQFGTWWAILSTSMNLAGGLGPILATILA
QSYSWRSTLALSGALCVVVSFLCLLLIHNEPADVGLRNLDPMPSEGKKGSLKEESTLQELLLSPYLWVLSTGYLVVFGVK
TCCTDWGQFFLIQEKGQSALVGSSYMSALEVGGLVGSIAAGYLSDRAMAKAGLSNYGNPRHGLLLFMMAGMTVSMYLFRV
TVTSDSPKLWILVLGAVFGFSSYGPIALFGVIANESAPPNLCGTSHAIVGLMANVGGFLAGLPFSTIAKHYSWSTAFWVA
EVICAASTAAFFLLRNIRTKMGRVSKKAE
;
_entity_poly.pdbx_strand_id   A
#
loop_
_chem_comp.id
_chem_comp.type
_chem_comp.name
_chem_comp.formula
A1EG7 non-polymer '(1S,3R,4R,5R)-3-[(E)-3-[3,4-bis(oxidanyl)phenyl]prop-2-enoyl]oxy-1,4,5-tris(oxidanyl)cyclohexane-1-carboxylic acid' 'C16 H18 O9'
#
# COMPACT_ATOMS: atom_id res chain seq x y z
N TYR A 6 22.35 21.87 11.33
CA TYR A 6 21.25 21.01 11.78
C TYR A 6 20.18 20.90 10.74
N GLY A 7 19.61 22.02 10.35
CA GLY A 7 18.51 22.01 9.41
C GLY A 7 18.91 21.42 8.09
N TYR A 8 20.13 21.69 7.65
CA TYR A 8 20.55 21.22 6.35
C TYR A 8 20.46 19.73 6.31
N TYR A 9 20.86 19.09 7.40
CA TYR A 9 20.75 17.63 7.45
C TYR A 9 19.34 17.09 7.44
N ARG A 10 18.40 17.71 8.13
CA ARG A 10 17.08 17.13 8.06
C ARG A 10 16.44 17.19 6.68
N THR A 11 16.64 18.27 5.95
CA THR A 11 16.11 18.32 4.59
C THR A 11 16.71 17.29 3.63
N VAL A 12 18.02 17.07 3.67
CA VAL A 12 18.67 16.11 2.78
C VAL A 12 18.19 14.70 3.03
N ILE A 13 18.07 14.34 4.30
CA ILE A 13 17.60 13.01 4.67
C ILE A 13 16.15 12.82 4.27
N PHE A 14 15.23 13.69 4.67
CA PHE A 14 13.83 13.44 4.36
C PHE A 14 13.59 13.41 2.88
N SER A 15 14.23 14.29 2.14
CA SER A 15 14.07 14.23 0.72
C SER A 15 14.57 12.90 0.20
N ALA A 16 15.71 12.45 0.69
CA ALA A 16 16.29 11.20 0.20
C ALA A 16 15.40 10.02 0.48
N MET A 17 14.85 9.92 1.69
CA MET A 17 13.94 8.83 2.00
C MET A 17 12.69 8.92 1.15
N PHE A 18 12.19 10.13 0.87
CA PHE A 18 11.04 10.27 0.01
C PHE A 18 11.36 9.74 -1.37
N GLY A 19 12.54 10.07 -1.89
CA GLY A 19 12.93 9.59 -3.19
C GLY A 19 13.05 8.09 -3.25
N GLY A 20 13.67 7.50 -2.24
CA GLY A 20 13.85 6.06 -2.22
C GLY A 20 12.56 5.29 -2.15
N TYR A 21 11.63 5.76 -1.34
CA TYR A 21 10.39 5.05 -1.17
C TYR A 21 9.58 4.99 -2.44
N SER A 22 9.58 6.07 -3.22
CA SER A 22 8.85 6.07 -4.46
C SER A 22 9.42 5.05 -5.41
N LEU A 23 10.74 4.89 -5.44
CA LEU A 23 11.36 3.89 -6.31
C LEU A 23 11.15 2.45 -5.89
N TYR A 24 11.06 2.16 -4.60
CA TYR A 24 10.74 0.82 -4.20
C TYR A 24 9.38 0.50 -4.74
N TYR A 25 8.43 1.41 -4.61
CA TYR A 25 7.06 1.13 -5.01
C TYR A 25 6.91 1.00 -6.51
N PHE A 26 7.53 1.88 -7.26
CA PHE A 26 7.39 1.86 -8.70
C PHE A 26 7.88 0.52 -9.15
N ASN A 27 8.96 0.06 -8.54
CA ASN A 27 9.48 -1.25 -8.88
C ASN A 27 8.66 -2.44 -8.40
N ARG A 28 7.95 -2.31 -7.30
CA ARG A 28 7.06 -3.36 -6.87
C ARG A 28 5.97 -3.53 -7.88
N LYS A 29 5.45 -2.42 -8.39
CA LYS A 29 4.31 -2.50 -9.28
C LYS A 29 4.61 -2.53 -10.77
N THR A 30 5.84 -2.27 -11.16
CA THR A 30 6.20 -2.28 -12.58
C THR A 30 5.58 -3.46 -13.33
N PHE A 31 5.39 -4.60 -12.67
CA PHE A 31 4.78 -5.74 -13.35
C PHE A 31 3.36 -5.42 -13.78
N SER A 32 2.54 -4.89 -12.90
CA SER A 32 1.19 -4.53 -13.29
C SER A 32 1.19 -3.51 -14.40
N PHE A 33 2.14 -2.57 -14.39
CA PHE A 33 2.17 -1.51 -15.38
C PHE A 33 2.39 -2.03 -16.79
N VAL A 34 3.22 -3.05 -16.95
CA VAL A 34 3.55 -3.56 -18.28
C VAL A 34 2.80 -4.84 -18.65
N MET A 35 1.82 -5.22 -17.85
CA MET A 35 1.13 -6.48 -18.10
C MET A 35 0.38 -6.61 -19.41
N PRO A 36 -0.31 -5.57 -19.87
CA PRO A 36 -1.01 -5.82 -21.12
C PRO A 36 -0.09 -6.19 -22.27
N SER A 37 1.05 -5.52 -22.39
CA SER A 37 2.01 -5.83 -23.44
C SER A 37 2.60 -7.21 -23.30
N LEU A 38 2.88 -7.60 -22.07
CA LEU A 38 3.52 -8.88 -21.84
C LEU A 38 2.62 -9.96 -22.32
N VAL A 39 1.33 -9.85 -22.05
CA VAL A 39 0.43 -10.92 -22.41
C VAL A 39 0.43 -11.06 -23.92
N GLU A 40 0.46 -9.94 -24.63
CA GLU A 40 0.43 -10.03 -26.07
C GLU A 40 1.65 -10.74 -26.65
N GLU A 41 2.85 -10.39 -26.20
CA GLU A 41 4.08 -11.07 -26.66
C GLU A 41 4.26 -12.49 -26.20
N ILE A 42 4.06 -12.73 -24.91
CA ILE A 42 4.15 -14.08 -24.39
C ILE A 42 2.74 -14.41 -23.96
N PRO A 43 2.05 -15.25 -24.72
CA PRO A 43 0.65 -15.45 -24.36
C PRO A 43 0.47 -16.23 -23.07
N LEU A 44 -0.33 -15.72 -22.14
CA LEU A 44 -0.52 -16.37 -20.85
C LEU A 44 -1.98 -16.41 -20.41
N ASP A 45 -2.37 -17.41 -19.65
CA ASP A 45 -3.74 -17.52 -19.15
C ASP A 45 -3.95 -16.65 -17.94
N LYS A 46 -5.21 -16.38 -17.60
CA LYS A 46 -5.51 -15.51 -16.48
C LYS A 46 -4.95 -16.08 -15.20
N ASP A 47 -5.03 -17.38 -15.04
CA ASP A 47 -4.51 -18.00 -13.85
C ASP A 47 -3.00 -17.81 -13.66
N ASP A 48 -2.23 -17.88 -14.74
CA ASP A 48 -0.78 -17.74 -14.64
C ASP A 48 -0.41 -16.38 -14.12
N LEU A 49 -1.14 -15.36 -14.53
CA LEU A 49 -0.87 -14.01 -14.08
C LEU A 49 -1.06 -13.92 -12.59
N GLY A 50 -2.08 -14.61 -12.10
CA GLY A 50 -2.34 -14.59 -10.68
C GLY A 50 -1.24 -15.17 -9.84
N PHE A 51 -0.65 -16.27 -10.27
CA PHE A 51 0.37 -16.91 -9.48
C PHE A 51 1.56 -15.98 -9.29
N ILE A 52 1.96 -15.27 -10.34
CA ILE A 52 3.07 -14.36 -10.23
C ILE A 52 2.78 -13.21 -9.26
N THR A 53 1.58 -12.63 -9.31
CA THR A 53 1.22 -11.58 -8.37
C THR A 53 1.15 -12.04 -6.92
N SER A 54 0.57 -13.20 -6.67
CA SER A 54 0.50 -13.72 -5.32
C SER A 54 1.84 -14.02 -4.75
N SER A 55 2.77 -14.50 -5.56
CA SER A 55 4.03 -14.90 -5.01
C SER A 55 4.73 -13.72 -4.35
N GLN A 56 4.66 -12.54 -4.96
CA GLN A 56 5.24 -11.38 -4.30
C GLN A 56 4.58 -11.05 -2.99
N SER A 57 3.25 -11.14 -2.93
CA SER A 57 2.52 -10.80 -1.71
C SER A 57 2.88 -11.70 -0.54
N ALA A 58 3.07 -12.99 -0.81
CA ALA A 58 3.46 -13.89 0.25
C ALA A 58 4.81 -13.51 0.83
N ALA A 59 5.78 -13.24 -0.03
CA ALA A 59 7.10 -12.94 0.48
C ALA A 59 7.10 -11.67 1.26
N TYR A 60 6.37 -10.67 0.80
CA TYR A 60 6.42 -9.40 1.47
C TYR A 60 5.92 -9.58 2.89
N ALA A 61 4.86 -10.34 3.08
CA ALA A 61 4.31 -10.49 4.40
C ALA A 61 5.27 -11.15 5.38
N ILE A 62 5.93 -12.21 4.96
CA ILE A 62 6.89 -12.88 5.83
C ILE A 62 8.03 -11.95 6.15
N SER A 63 8.53 -11.26 5.14
CA SER A 63 9.65 -10.38 5.36
C SER A 63 9.33 -9.23 6.28
N LYS A 64 8.20 -8.57 6.07
CA LYS A 64 7.86 -7.38 6.87
C LYS A 64 7.61 -7.68 8.35
N PHE A 65 7.03 -8.83 8.67
CA PHE A 65 6.85 -9.19 10.07
C PHE A 65 8.15 -9.54 10.77
N VAL A 66 8.98 -10.38 10.15
CA VAL A 66 10.22 -10.78 10.77
C VAL A 66 11.13 -9.61 10.90
N SER A 67 11.18 -8.78 9.88
CA SER A 67 12.14 -7.68 9.90
C SER A 67 11.93 -6.74 11.04
N GLY A 68 10.70 -6.40 11.31
CA GLY A 68 10.44 -5.44 12.35
C GLY A 68 10.92 -5.94 13.69
N VAL A 69 10.74 -7.22 13.95
CA VAL A 69 11.11 -7.78 15.23
C VAL A 69 12.59 -7.63 15.48
N LEU A 70 13.40 -7.87 14.47
CA LEU A 70 14.84 -7.79 14.64
C LEU A 70 15.46 -6.47 14.24
N SER A 71 14.66 -5.48 13.84
CA SER A 71 15.19 -4.21 13.32
C SER A 71 15.99 -3.40 14.30
N ASP A 72 15.73 -3.59 15.58
CA ASP A 72 16.45 -2.86 16.63
C ASP A 72 17.92 -3.21 16.58
N GLN A 73 18.27 -4.34 15.98
CA GLN A 73 19.67 -4.70 15.82
C GLN A 73 20.32 -4.24 14.52
N MET A 74 19.59 -3.51 13.66
CA MET A 74 20.16 -3.17 12.35
C MET A 74 20.31 -1.69 11.95
N SER A 75 21.33 -1.36 11.13
CA SER A 75 21.59 0.01 10.72
C SER A 75 20.79 0.47 9.52
N ALA A 76 20.12 1.60 9.64
CA ALA A 76 19.25 2.09 8.55
C ALA A 76 19.92 2.43 7.25
N ARG A 77 21.09 3.04 7.30
CA ARG A 77 21.75 3.44 6.07
C ARG A 77 22.09 2.24 5.23
N TRP A 78 22.63 1.19 5.83
CA TRP A 78 22.90 -0.01 5.07
C TRP A 78 21.66 -0.73 4.62
N LEU A 79 20.66 -0.85 5.47
CA LEU A 79 19.46 -1.62 5.12
C LEU A 79 18.64 -1.06 3.95
N PHE A 80 18.43 0.24 3.91
CA PHE A 80 17.73 0.86 2.79
C PHE A 80 18.48 0.70 1.47
N SER A 81 19.78 0.96 1.47
CA SER A 81 20.52 0.82 0.26
C SER A 81 20.58 -0.59 -0.27
N SER A 82 20.82 -1.56 0.61
CA SER A 82 20.96 -2.95 0.18
C SER A 82 19.68 -3.43 -0.43
N GLY A 83 18.56 -3.06 0.19
CA GLY A 83 17.27 -3.50 -0.30
C GLY A 83 17.02 -3.01 -1.69
N LEU A 84 17.36 -1.76 -1.96
CA LEU A 84 17.12 -1.20 -3.27
C LEU A 84 17.91 -1.92 -4.33
N LEU A 85 19.16 -2.25 -4.04
CA LEU A 85 19.97 -2.86 -5.06
C LEU A 85 19.37 -4.17 -5.49
N LEU A 86 18.92 -4.98 -4.54
CA LEU A 86 18.37 -6.30 -4.87
C LEU A 86 17.10 -6.20 -5.70
N VAL A 87 16.24 -5.23 -5.37
CA VAL A 87 15.03 -5.06 -6.14
C VAL A 87 15.43 -4.75 -7.56
N GLY A 88 16.43 -3.90 -7.74
CA GLY A 88 16.83 -3.49 -9.07
C GLY A 88 17.38 -4.60 -9.92
N LEU A 89 18.22 -5.43 -9.34
CA LEU A 89 18.79 -6.52 -10.07
C LEU A 89 17.70 -7.50 -10.52
N VAL A 90 16.74 -7.77 -9.65
CA VAL A 90 15.65 -8.68 -10.01
C VAL A 90 14.88 -8.13 -11.20
N ASN A 91 14.64 -6.84 -11.24
CA ASN A 91 13.94 -6.27 -12.37
C ASN A 91 14.71 -6.47 -13.67
N ILE A 92 16.01 -6.32 -13.67
CA ILE A 92 16.73 -6.50 -14.90
C ILE A 92 16.58 -7.93 -15.39
N PHE A 93 16.72 -8.91 -14.50
CA PHE A 93 16.67 -10.32 -14.90
C PHE A 93 15.32 -10.69 -15.44
N PHE A 94 14.25 -10.12 -14.89
CA PHE A 94 12.90 -10.50 -15.29
C PHE A 94 12.74 -10.23 -16.76
N ALA A 95 13.24 -9.12 -17.26
CA ALA A 95 13.03 -8.79 -18.66
C ALA A 95 13.69 -9.80 -19.56
N TRP A 96 14.88 -10.22 -19.21
CA TRP A 96 15.57 -11.24 -19.98
C TRP A 96 14.84 -12.57 -19.98
N SER A 97 14.26 -12.94 -18.84
CA SER A 97 13.59 -14.24 -18.73
C SER A 97 12.31 -14.33 -19.52
N SER A 98 12.01 -15.52 -20.04
CA SER A 98 10.79 -15.70 -20.83
C SER A 98 9.76 -16.74 -20.35
N THR A 99 10.02 -17.48 -19.27
CA THR A 99 9.10 -18.53 -18.87
C THR A 99 8.44 -18.34 -17.52
N VAL A 100 7.22 -18.84 -17.34
CA VAL A 100 6.48 -18.61 -16.10
C VAL A 100 7.06 -19.15 -14.80
N PRO A 101 7.60 -20.37 -14.81
CA PRO A 101 8.14 -20.78 -13.51
C PRO A 101 9.28 -19.85 -13.07
N VAL A 102 10.18 -19.46 -13.97
CA VAL A 102 11.25 -18.54 -13.64
C VAL A 102 10.77 -17.16 -13.23
N PHE A 103 9.76 -16.65 -13.91
CA PHE A 103 9.23 -15.35 -13.58
C PHE A 103 8.73 -15.31 -12.15
N ALA A 104 8.05 -16.35 -11.72
CA ALA A 104 7.48 -16.33 -10.39
C ALA A 104 8.51 -16.29 -9.28
N ALA A 105 9.58 -17.06 -9.40
CA ALA A 105 10.62 -17.06 -8.39
C ALA A 105 11.32 -15.73 -8.26
N LEU A 106 11.61 -15.07 -9.39
CA LEU A 106 12.22 -13.76 -9.32
C LEU A 106 11.25 -12.81 -8.63
N TRP A 107 9.97 -12.93 -8.89
CA TRP A 107 9.03 -12.08 -8.17
C TRP A 107 8.98 -12.33 -6.67
N PHE A 108 9.12 -13.56 -6.22
CA PHE A 108 9.18 -13.81 -4.78
C PHE A 108 10.38 -13.10 -4.20
N LEU A 109 11.52 -13.16 -4.88
CA LEU A 109 12.73 -12.51 -4.38
C LEU A 109 12.56 -11.02 -4.29
N ASN A 110 11.87 -10.43 -5.24
CA ASN A 110 11.61 -9.01 -5.18
C ASN A 110 10.80 -8.76 -3.93
N GLY A 111 9.83 -9.60 -3.62
CA GLY A 111 9.00 -9.33 -2.47
C GLY A 111 9.77 -9.33 -1.17
N LEU A 112 10.67 -10.27 -1.01
CA LEU A 112 11.51 -10.34 0.19
C LEU A 112 12.43 -9.13 0.35
N ALA A 113 13.04 -8.66 -0.74
CA ALA A 113 13.88 -7.48 -0.70
C ALA A 113 13.09 -6.28 -0.31
N GLN A 114 11.87 -6.18 -0.79
CA GLN A 114 11.02 -5.03 -0.50
C GLN A 114 10.79 -4.94 0.99
N GLY A 115 10.74 -6.07 1.65
CA GLY A 115 10.50 -6.07 3.06
C GLY A 115 11.56 -5.30 3.80
N LEU A 116 12.80 -5.36 3.33
CA LEU A 116 13.91 -4.70 4.03
C LEU A 116 13.71 -3.20 4.14
N GLY A 117 13.13 -2.57 3.13
CA GLY A 117 12.97 -1.13 3.15
C GLY A 117 12.12 -0.46 4.21
N TRP A 118 10.97 -1.01 4.56
CA TRP A 118 10.06 -0.34 5.50
C TRP A 118 10.51 -0.09 6.95
N PRO A 119 11.14 -1.07 7.59
CA PRO A 119 11.55 -0.74 8.96
C PRO A 119 12.53 0.43 9.10
N PRO A 120 13.54 0.58 8.22
CA PRO A 120 14.44 1.71 8.43
C PRO A 120 13.80 3.07 8.40
N CYS A 121 12.80 3.29 7.56
CA CYS A 121 12.24 4.62 7.44
C CYS A 121 11.70 5.08 8.77
N GLY A 122 11.03 4.20 9.48
CA GLY A 122 10.49 4.57 10.77
C GLY A 122 11.52 4.97 11.78
N LYS A 123 12.64 4.25 11.83
CA LYS A 123 13.68 4.54 12.80
C LYS A 123 14.29 5.92 12.63
N VAL A 124 14.57 6.33 11.40
CA VAL A 124 15.11 7.66 11.17
C VAL A 124 14.12 8.70 11.60
N LEU A 125 12.84 8.48 11.32
CA LEU A 125 11.84 9.48 11.62
C LEU A 125 11.75 9.76 13.10
N ARG A 126 11.80 8.75 13.94
CA ARG A 126 11.82 8.98 15.37
C ARG A 126 13.10 9.66 15.78
N LYS A 127 14.22 9.22 15.22
CA LYS A 127 15.51 9.76 15.62
C LYS A 127 15.74 11.22 15.28
N TRP A 128 15.34 11.66 14.09
CA TRP A 128 15.61 13.04 13.68
C TRP A 128 14.48 14.03 13.89
N PHE A 129 13.27 13.57 14.17
CA PHE A 129 12.14 14.47 14.35
C PHE A 129 11.55 14.22 15.70
N GLU A 130 11.07 15.24 16.37
CA GLU A 130 10.55 15.11 17.72
C GLU A 130 9.31 14.25 17.66
N PRO A 131 8.98 13.57 18.76
CA PRO A 131 7.86 12.63 18.67
C PRO A 131 6.56 13.29 18.25
N SER A 132 6.36 14.55 18.58
CA SER A 132 5.10 15.20 18.28
C SER A 132 4.79 15.22 16.80
N GLN A 133 5.80 15.44 15.97
CA GLN A 133 5.57 15.59 14.53
C GLN A 133 5.59 14.31 13.72
N PHE A 134 5.72 13.16 14.35
CA PHE A 134 5.86 11.92 13.59
C PHE A 134 4.65 11.72 12.72
N GLY A 135 3.48 12.07 13.21
CA GLY A 135 2.30 11.79 12.42
C GLY A 135 2.29 12.51 11.09
N THR A 136 2.65 13.79 11.10
CA THR A 136 2.65 14.56 9.87
C THR A 136 3.66 14.01 8.90
N TRP A 137 4.85 13.72 9.39
CA TRP A 137 5.90 13.24 8.50
C TRP A 137 5.54 11.92 7.88
N TRP A 138 4.91 11.05 8.65
CA TRP A 138 4.60 9.75 8.13
C TRP A 138 3.67 9.92 6.96
N ALA A 139 2.67 10.77 7.08
CA ALA A 139 1.73 10.99 6.00
C ALA A 139 2.35 11.61 4.76
N ILE A 140 3.25 12.56 4.92
CA ILE A 140 3.92 13.11 3.74
C ILE A 140 4.69 11.98 3.08
N LEU A 141 5.38 11.16 3.86
CA LEU A 141 6.18 10.08 3.30
C LEU A 141 5.29 9.10 2.57
N SER A 142 4.09 8.85 3.08
CA SER A 142 3.16 7.95 2.43
C SER A 142 2.73 8.39 1.05
N THR A 143 2.71 9.69 0.80
CA THR A 143 2.29 10.22 -0.50
C THR A 143 3.27 9.89 -1.61
N SER A 144 4.46 9.42 -1.28
CA SER A 144 5.45 9.06 -2.29
C SER A 144 4.94 7.95 -3.17
N MET A 145 4.26 7.00 -2.59
CA MET A 145 3.71 5.92 -3.35
C MET A 145 2.67 6.39 -4.35
N ASN A 146 1.81 7.32 -3.95
CA ASN A 146 0.74 7.76 -4.83
C ASN A 146 1.27 8.50 -6.04
N LEU A 147 2.34 9.25 -5.88
CA LEU A 147 2.96 9.93 -7.01
C LEU A 147 3.59 8.96 -7.99
N ALA A 148 4.31 7.96 -7.49
CA ALA A 148 4.91 6.97 -8.37
C ALA A 148 3.90 6.15 -9.11
N GLY A 149 2.86 5.75 -8.41
CA GLY A 149 1.85 4.93 -9.01
C GLY A 149 1.12 5.61 -10.14
N GLY A 150 0.82 6.89 -9.99
CA GLY A 150 0.20 7.62 -11.08
C GLY A 150 1.03 7.82 -12.32
N LEU A 151 2.30 8.15 -12.14
CA LEU A 151 3.18 8.42 -13.27
C LEU A 151 3.45 7.22 -14.12
N GLY A 152 3.65 6.08 -13.50
CA GLY A 152 4.02 4.90 -14.28
C GLY A 152 3.13 4.30 -15.34
N PRO A 153 1.82 4.18 -15.10
CA PRO A 153 1.03 3.54 -16.14
C PRO A 153 1.08 4.35 -17.38
N ILE A 154 0.99 5.67 -17.24
CA ILE A 154 0.98 6.55 -18.40
C ILE A 154 2.29 6.46 -19.14
N LEU A 155 3.37 6.38 -18.39
CA LEU A 155 4.65 6.32 -19.04
C LEU A 155 4.74 5.06 -19.89
N ALA A 156 4.25 3.94 -19.38
CA ALA A 156 4.29 2.70 -20.14
C ALA A 156 3.45 2.71 -21.40
N THR A 157 2.25 3.27 -21.35
CA THR A 157 1.37 3.21 -22.51
C THR A 157 1.92 4.12 -23.58
N ILE A 158 2.76 5.06 -23.20
CA ILE A 158 3.44 5.89 -24.18
C ILE A 158 4.79 5.34 -24.64
N LEU A 159 5.60 4.82 -23.72
CA LEU A 159 6.94 4.33 -24.06
C LEU A 159 6.94 3.04 -24.83
N ALA A 160 5.81 2.37 -24.87
CA ALA A 160 5.72 1.09 -25.53
C ALA A 160 5.51 1.27 -27.00
N GLN A 161 5.52 2.52 -27.44
CA GLN A 161 5.28 2.81 -28.83
C GLN A 161 6.30 2.14 -29.72
N SER A 162 7.57 2.22 -29.38
CA SER A 162 8.56 1.50 -30.16
C SER A 162 9.34 0.55 -29.29
N TYR A 163 9.49 0.90 -28.03
CA TYR A 163 10.29 0.06 -27.16
C TYR A 163 9.58 -1.19 -26.68
N SER A 164 10.35 -2.22 -26.39
CA SER A 164 9.78 -3.47 -25.95
C SER A 164 9.48 -3.42 -24.48
N TRP A 165 8.67 -4.34 -24.00
CA TRP A 165 8.38 -4.42 -22.58
C TRP A 165 9.67 -4.72 -21.88
N ARG A 166 10.54 -5.47 -22.53
CA ARG A 166 11.81 -5.82 -21.95
C ARG A 166 12.69 -4.62 -21.68
N SER A 167 12.70 -3.64 -22.58
CA SER A 167 13.56 -2.47 -22.42
C SER A 167 12.95 -1.36 -21.61
N THR A 168 11.68 -1.50 -21.22
CA THR A 168 11.06 -0.51 -20.38
C THR A 168 10.96 -0.96 -18.95
N LEU A 169 11.63 -2.04 -18.60
CA LEU A 169 11.57 -2.57 -17.27
C LEU A 169 13.00 -2.69 -16.89
N ALA A 170 13.86 -2.65 -17.89
CA ALA A 170 15.27 -2.83 -17.65
C ALA A 170 16.02 -1.61 -17.59
N LEU A 171 15.37 -0.51 -17.25
CA LEU A 171 16.06 0.73 -17.03
C LEU A 171 15.55 1.00 -15.67
N SER A 172 14.43 0.41 -15.31
CA SER A 172 13.98 0.60 -13.97
C SER A 172 14.80 -0.24 -13.13
N GLY A 173 15.82 -0.89 -13.63
CA GLY A 173 16.82 -1.55 -12.78
C GLY A 173 18.09 -0.74 -12.63
N ALA A 174 18.59 -0.19 -13.73
CA ALA A 174 19.81 0.62 -13.66
C ALA A 174 19.59 1.86 -12.80
N LEU A 175 18.43 2.51 -12.97
CA LEU A 175 18.10 3.66 -12.15
C LEU A 175 18.04 3.28 -10.68
N CYS A 176 17.49 2.10 -10.38
CA CYS A 176 17.45 1.63 -9.00
C CYS A 176 18.85 1.48 -8.43
N VAL A 177 19.77 0.90 -9.20
CA VAL A 177 21.13 0.71 -8.70
C VAL A 177 21.77 2.05 -8.38
N VAL A 178 21.66 3.01 -9.32
CA VAL A 178 22.29 4.31 -9.11
C VAL A 178 21.69 5.01 -7.89
N VAL A 179 20.36 4.99 -7.76
CA VAL A 179 19.74 5.68 -6.65
C VAL A 179 20.06 4.98 -5.33
N SER A 180 20.25 3.66 -5.36
CA SER A 180 20.66 2.95 -4.15
C SER A 180 22.02 3.44 -3.68
N PHE A 181 22.95 3.61 -4.63
CA PHE A 181 24.25 4.16 -4.25
C PHE A 181 24.11 5.56 -3.68
N LEU A 182 23.29 6.40 -4.31
CA LEU A 182 23.11 7.76 -3.83
C LEU A 182 22.53 7.78 -2.41
N CYS A 183 21.52 6.94 -2.16
CA CYS A 183 20.90 6.91 -0.84
C CYS A 183 21.82 6.33 0.21
N LEU A 184 22.71 5.41 -0.18
CA LEU A 184 23.76 4.98 0.74
C LEU A 184 24.67 6.15 1.09
N LEU A 185 24.98 7.00 0.11
CA LEU A 185 25.85 8.14 0.39
C LEU A 185 25.17 9.18 1.28
N LEU A 186 23.87 9.41 1.12
CA LEU A 186 23.22 10.57 1.73
C LEU A 186 22.67 10.30 3.14
N ILE A 187 21.92 9.22 3.32
CA ILE A 187 21.20 9.00 4.57
C ILE A 187 22.19 8.83 5.72
N HIS A 188 21.85 9.38 6.88
CA HIS A 188 22.66 9.25 8.09
C HIS A 188 21.81 8.65 9.20
N ASN A 189 22.38 7.68 9.92
CA ASN A 189 21.60 6.94 10.90
C ASN A 189 21.21 7.80 12.10
N GLU A 190 22.17 8.50 12.68
CA GLU A 190 21.92 9.20 13.94
C GLU A 190 22.44 10.62 13.88
N PRO A 191 21.77 11.56 14.56
CA PRO A 191 22.31 12.93 14.61
C PRO A 191 23.68 13.03 15.24
N ALA A 192 23.99 12.14 16.19
CA ALA A 192 25.31 12.19 16.83
C ALA A 192 26.42 11.80 15.86
N ASP A 193 26.07 11.11 14.77
CA ASP A 193 27.10 10.66 13.83
C ASP A 193 27.81 11.83 13.18
N VAL A 194 27.07 12.88 12.83
CA VAL A 194 27.67 14.03 12.14
C VAL A 194 28.14 15.10 13.10
N GLY A 195 27.99 14.90 14.41
CA GLY A 195 28.44 15.85 15.41
C GLY A 195 27.35 16.63 16.12
N LEU A 196 26.10 16.50 15.69
CA LEU A 196 25.01 17.20 16.36
C LEU A 196 24.49 16.37 17.53
N ARG A 197 24.02 17.06 18.57
CA ARG A 197 23.50 16.39 19.75
C ARG A 197 22.21 15.64 19.42
N ASN A 198 22.06 14.46 20.00
CA ASN A 198 20.87 13.65 19.78
C ASN A 198 19.66 14.32 20.44
N LEU A 199 18.48 14.02 19.92
CA LEU A 199 17.26 14.60 20.47
C LEU A 199 17.02 14.11 21.89
N ASP A 200 16.36 14.96 22.68
CA ASP A 200 16.14 14.64 24.08
C ASP A 200 15.22 13.42 24.19
N PRO A 201 15.58 12.42 24.99
CA PRO A 201 14.70 11.26 25.16
C PRO A 201 13.41 11.65 25.85
N MET A 202 12.35 10.90 25.54
CA MET A 202 11.04 11.15 26.10
C MET A 202 10.77 10.23 27.30
N LEU A 211 4.98 3.01 33.11
CA LEU A 211 4.79 2.12 34.25
C LEU A 211 3.39 2.27 34.84
N LYS A 212 2.38 2.21 33.97
CA LYS A 212 0.97 2.36 34.37
C LYS A 212 0.18 1.21 33.76
N GLU A 213 0.10 0.10 34.50
CA GLU A 213 -0.66 -1.09 34.10
C GLU A 213 -0.23 -1.60 32.73
N GLU A 214 1.03 -2.00 32.65
CA GLU A 214 1.58 -2.54 31.40
C GLU A 214 0.94 -3.89 31.12
N SER A 215 0.15 -3.96 30.05
CA SER A 215 -0.55 -5.19 29.71
C SER A 215 0.40 -6.21 29.10
N THR A 216 0.19 -7.47 29.44
CA THR A 216 0.96 -8.57 28.88
C THR A 216 0.45 -8.89 27.47
N LEU A 217 1.32 -9.51 26.67
CA LEU A 217 0.97 -9.78 25.27
C LEU A 217 -0.26 -10.67 25.15
N GLN A 218 -0.39 -11.66 26.02
CA GLN A 218 -1.55 -12.55 25.96
C GLN A 218 -2.86 -11.81 26.22
N GLU A 219 -2.80 -10.66 26.89
CA GLU A 219 -4.01 -9.86 27.08
C GLU A 219 -4.32 -9.01 25.85
N LEU A 220 -3.33 -8.77 24.99
CA LEU A 220 -3.58 -7.95 23.81
C LEU A 220 -4.39 -8.70 22.76
N LEU A 221 -4.05 -9.96 22.51
CA LEU A 221 -4.72 -10.73 21.47
C LEU A 221 -6.19 -10.95 21.76
N LEU A 222 -6.60 -10.84 23.01
CA LEU A 222 -7.98 -11.08 23.41
C LEU A 222 -8.84 -9.83 23.34
N SER A 223 -8.29 -8.70 22.91
CA SER A 223 -9.07 -7.48 22.81
C SER A 223 -10.04 -7.57 21.64
N PRO A 224 -11.34 -7.37 21.87
CA PRO A 224 -12.31 -7.48 20.77
C PRO A 224 -12.07 -6.47 19.66
N TYR A 225 -11.63 -5.25 19.99
CA TYR A 225 -11.53 -4.21 18.98
C TYR A 225 -10.36 -4.44 18.04
N LEU A 226 -9.36 -5.21 18.47
CA LEU A 226 -8.20 -5.43 17.62
C LEU A 226 -8.58 -6.14 16.33
N TRP A 227 -9.47 -7.13 16.43
CA TRP A 227 -9.86 -7.89 15.24
C TRP A 227 -10.78 -7.08 14.34
N VAL A 228 -11.72 -6.33 14.93
CA VAL A 228 -12.60 -5.50 14.13
C VAL A 228 -11.80 -4.45 13.37
N LEU A 229 -10.73 -3.93 13.98
CA LEU A 229 -9.85 -2.99 13.30
C LEU A 229 -8.95 -3.67 12.29
N SER A 230 -8.66 -4.96 12.47
CA SER A 230 -7.73 -5.65 11.57
C SER A 230 -8.47 -6.23 10.37
N THR A 231 -9.52 -7.03 10.60
CA THR A 231 -10.28 -7.58 9.49
C THR A 231 -10.94 -6.50 8.67
N GLY A 232 -11.27 -5.36 9.27
CA GLY A 232 -11.73 -4.22 8.51
C GLY A 232 -10.66 -3.58 7.65
N TYR A 233 -9.39 -3.89 7.92
CA TYR A 233 -8.26 -3.42 7.12
C TYR A 233 -7.91 -4.40 6.00
N LEU A 234 -8.13 -5.70 6.23
CA LEU A 234 -7.91 -6.69 5.17
C LEU A 234 -8.89 -6.49 4.02
N VAL A 235 -10.16 -6.21 4.33
CA VAL A 235 -11.16 -6.07 3.29
C VAL A 235 -10.88 -4.85 2.43
N VAL A 236 -10.55 -3.72 3.06
CA VAL A 236 -10.29 -2.49 2.31
C VAL A 236 -9.05 -2.64 1.44
N PHE A 237 -7.97 -3.15 2.03
CA PHE A 237 -6.72 -3.32 1.28
C PHE A 237 -6.85 -4.34 0.17
N GLY A 238 -7.55 -5.46 0.42
CA GLY A 238 -7.71 -6.46 -0.62
C GLY A 238 -8.51 -5.94 -1.81
N VAL A 239 -9.55 -5.16 -1.54
CA VAL A 239 -10.35 -4.57 -2.61
C VAL A 239 -9.54 -3.58 -3.43
N LYS A 240 -8.70 -2.78 -2.76
CA LYS A 240 -7.89 -1.81 -3.48
C LYS A 240 -6.90 -2.48 -4.43
N THR A 241 -6.43 -3.67 -4.08
CA THR A 241 -5.50 -4.39 -4.97
C THR A 241 -6.21 -4.98 -6.17
N CYS A 242 -7.48 -5.38 -6.02
CA CYS A 242 -8.22 -5.94 -7.15
C CYS A 242 -8.39 -4.90 -8.26
N CYS A 243 -8.77 -3.68 -7.90
CA CYS A 243 -8.93 -2.62 -8.88
C CYS A 243 -7.59 -2.08 -9.37
N THR A 244 -6.52 -2.22 -8.60
CA THR A 244 -5.21 -1.73 -9.02
C THR A 244 -4.59 -2.60 -10.09
N ASP A 245 -4.81 -3.92 -10.03
CA ASP A 245 -4.17 -4.85 -10.95
C ASP A 245 -5.10 -5.29 -12.08
N TRP A 246 -6.30 -5.76 -11.75
CA TRP A 246 -7.20 -6.34 -12.73
C TRP A 246 -8.19 -5.34 -13.32
N GLY A 247 -8.21 -4.10 -12.84
CA GLY A 247 -9.15 -3.13 -13.37
C GLY A 247 -8.90 -2.77 -14.82
N GLN A 248 -7.65 -2.94 -15.28
CA GLN A 248 -7.33 -2.58 -16.66
C GLN A 248 -7.85 -3.63 -17.65
N PHE A 249 -7.79 -4.91 -17.31
CA PHE A 249 -8.28 -5.94 -18.22
C PHE A 249 -9.80 -5.97 -18.30
N PHE A 250 -10.48 -5.52 -17.24
CA PHE A 250 -11.94 -5.47 -17.30
C PHE A 250 -12.42 -4.52 -18.39
N LEU A 251 -11.75 -3.37 -18.55
CA LEU A 251 -12.10 -2.45 -19.61
C LEU A 251 -11.60 -2.90 -20.97
N ILE A 252 -10.41 -3.51 -21.02
CA ILE A 252 -9.83 -3.90 -22.30
C ILE A 252 -10.59 -5.06 -22.91
N GLN A 253 -10.97 -6.05 -22.10
CA GLN A 253 -11.55 -7.28 -22.62
C GLN A 253 -13.07 -7.22 -22.73
N GLU A 254 -13.76 -6.85 -21.64
CA GLU A 254 -15.22 -6.90 -21.60
C GLU A 254 -15.89 -5.59 -22.00
N LYS A 255 -15.31 -4.44 -21.62
CA LYS A 255 -15.95 -3.17 -21.91
C LYS A 255 -15.59 -2.61 -23.28
N GLY A 256 -14.75 -3.31 -24.05
CA GLY A 256 -14.45 -2.87 -25.40
C GLY A 256 -13.60 -1.62 -25.48
N GLN A 257 -12.84 -1.31 -24.44
CA GLN A 257 -11.95 -0.15 -24.44
C GLN A 257 -10.56 -0.55 -24.91
N SER A 258 -9.76 0.45 -25.26
CA SER A 258 -8.42 0.22 -25.77
C SER A 258 -7.43 0.15 -24.60
N ALA A 259 -6.15 -0.06 -24.92
CA ALA A 259 -5.13 -0.15 -23.88
C ALA A 259 -4.81 1.22 -23.28
N LEU A 260 -4.83 2.26 -24.11
CA LEU A 260 -4.52 3.60 -23.61
C LEU A 260 -5.57 4.06 -22.59
N VAL A 261 -6.85 3.80 -22.87
CA VAL A 261 -7.90 4.19 -21.94
C VAL A 261 -7.82 3.38 -20.66
N GLY A 262 -7.44 2.10 -20.76
CA GLY A 262 -7.29 1.30 -19.56
C GLY A 262 -6.19 1.81 -18.64
N SER A 263 -5.07 2.25 -19.22
CA SER A 263 -4.00 2.82 -18.42
C SER A 263 -4.32 4.22 -17.93
N SER A 264 -5.18 4.95 -18.63
CA SER A 264 -5.60 6.27 -18.16
C SER A 264 -6.46 6.15 -16.90
N TYR A 265 -7.31 5.14 -16.84
CA TYR A 265 -8.08 4.89 -15.63
C TYR A 265 -7.18 4.54 -14.46
N MET A 266 -6.03 3.91 -14.74
CA MET A 266 -5.12 3.51 -13.67
C MET A 266 -4.55 4.71 -12.93
N SER A 267 -4.17 5.76 -13.67
CA SER A 267 -3.58 6.94 -13.05
C SER A 267 -4.60 7.74 -12.26
N ALA A 268 -5.82 7.88 -12.79
CA ALA A 268 -6.85 8.62 -12.07
C ALA A 268 -7.22 7.96 -10.76
N LEU A 269 -7.03 6.65 -10.64
CA LEU A 269 -7.23 5.98 -9.36
C LEU A 269 -6.19 6.42 -8.32
N GLU A 270 -4.94 6.59 -8.74
CA GLU A 270 -3.89 6.96 -7.80
C GLU A 270 -3.98 8.43 -7.42
N VAL A 271 -4.38 9.28 -8.36
CA VAL A 271 -4.51 10.71 -8.07
C VAL A 271 -5.60 10.95 -7.04
N GLY A 272 -6.68 10.19 -7.09
CA GLY A 272 -7.76 10.36 -6.12
C GLY A 272 -7.31 10.11 -4.69
N GLY A 273 -6.43 9.13 -4.49
CA GLY A 273 -5.96 8.84 -3.14
C GLY A 273 -5.03 9.89 -2.57
N LEU A 274 -4.35 10.64 -3.44
CA LEU A 274 -3.44 11.69 -2.96
C LEU A 274 -4.21 12.78 -2.22
N VAL A 275 -5.34 13.21 -2.78
CA VAL A 275 -6.21 14.17 -2.10
C VAL A 275 -7.05 13.49 -1.03
N GLY A 276 -7.09 12.16 -1.02
CA GLY A 276 -7.86 11.43 -0.03
C GLY A 276 -7.11 11.22 1.26
N SER A 277 -5.84 10.82 1.17
CA SER A 277 -5.04 10.63 2.37
C SER A 277 -4.80 11.95 3.10
N ILE A 278 -4.56 13.03 2.35
CA ILE A 278 -4.34 14.33 2.97
C ILE A 278 -5.62 14.82 3.65
N ALA A 279 -6.76 14.74 2.95
CA ALA A 279 -8.01 15.22 3.52
C ALA A 279 -8.44 14.39 4.71
N ALA A 280 -8.14 13.09 4.71
CA ALA A 280 -8.56 12.24 5.81
C ALA A 280 -7.91 12.68 7.12
N GLY A 281 -6.62 12.97 7.10
CA GLY A 281 -5.95 13.44 8.30
C GLY A 281 -6.44 14.81 8.73
N TYR A 282 -6.61 15.73 7.78
CA TYR A 282 -7.08 17.08 8.11
C TYR A 282 -8.49 17.06 8.67
N LEU A 283 -9.37 16.24 8.09
CA LEU A 283 -10.76 16.24 8.53
C LEU A 283 -10.93 15.51 9.86
N SER A 284 -10.11 14.48 10.10
CA SER A 284 -10.30 13.64 11.28
C SER A 284 -10.13 14.43 12.58
N ASP A 285 -9.02 15.13 12.71
CA ASP A 285 -8.75 15.83 13.97
C ASP A 285 -9.67 17.02 14.17
N ARG A 286 -10.18 17.61 13.09
CA ARG A 286 -11.14 18.70 13.22
C ARG A 286 -12.40 18.26 13.94
N ALA A 287 -12.93 17.08 13.59
CA ALA A 287 -14.10 16.55 14.28
C ALA A 287 -13.74 16.07 15.69
N MET A 288 -12.50 15.62 15.89
CA MET A 288 -12.08 15.12 17.20
C MET A 288 -12.04 16.22 18.24
N ALA A 289 -11.72 17.45 17.85
CA ALA A 289 -11.62 18.54 18.82
C ALA A 289 -12.98 19.02 19.32
N LYS A 290 -14.06 18.68 18.61
CA LYS A 290 -15.40 19.14 18.99
C LYS A 290 -16.12 18.18 19.93
N ALA A 291 -15.66 16.94 20.05
CA ALA A 291 -16.32 15.94 20.89
C ALA A 291 -15.42 15.46 22.02
N GLY A 292 -14.20 15.04 21.71
CA GLY A 292 -13.30 14.48 22.70
C GLY A 292 -13.23 12.96 22.60
N LEU A 293 -12.31 12.39 23.37
CA LEU A 293 -12.04 10.96 23.36
C LEU A 293 -12.50 10.34 24.67
N SER A 294 -12.97 9.09 24.59
CA SER A 294 -13.39 8.35 25.77
C SER A 294 -13.10 6.86 25.54
N ASN A 295 -13.36 6.06 26.58
CA ASN A 295 -13.07 4.64 26.51
C ASN A 295 -13.93 3.95 25.46
N TYR A 296 -15.21 4.28 25.40
CA TYR A 296 -16.16 3.61 24.54
C TYR A 296 -16.29 4.38 23.23
N GLY A 297 -16.01 3.71 22.12
CA GLY A 297 -16.12 4.30 20.81
C GLY A 297 -14.92 5.15 20.44
N ASN A 298 -14.89 5.56 19.18
CA ASN A 298 -13.86 6.41 18.63
C ASN A 298 -14.53 7.47 17.76
N PRO A 299 -14.24 8.75 17.97
CA PRO A 299 -14.93 9.79 17.18
C PRO A 299 -14.69 9.70 15.69
N ARG A 300 -13.58 9.10 15.26
CA ARG A 300 -13.29 9.00 13.84
C ARG A 300 -14.08 7.90 13.14
N HIS A 301 -14.93 7.16 13.87
CA HIS A 301 -15.75 6.13 13.23
C HIS A 301 -16.71 6.75 12.22
N GLY A 302 -17.32 7.88 12.56
CA GLY A 302 -18.26 8.50 11.65
C GLY A 302 -17.64 8.88 10.32
N LEU A 303 -16.41 9.40 10.36
CA LEU A 303 -15.72 9.73 9.11
C LEU A 303 -15.33 8.47 8.35
N LEU A 304 -14.99 7.39 9.07
CA LEU A 304 -14.57 6.17 8.40
C LEU A 304 -15.72 5.49 7.68
N LEU A 305 -16.92 5.54 8.26
CA LEU A 305 -18.08 4.90 7.63
C LEU A 305 -18.44 5.58 6.31
N PHE A 306 -18.37 6.90 6.26
CA PHE A 306 -18.70 7.62 5.03
C PHE A 306 -17.75 7.24 3.91
N MET A 307 -16.45 7.17 4.19
CA MET A 307 -15.48 6.82 3.17
C MET A 307 -15.70 5.39 2.67
N MET A 308 -15.98 4.46 3.59
CA MET A 308 -16.26 3.08 3.20
C MET A 308 -17.53 2.99 2.37
N ALA A 309 -18.53 3.80 2.71
CA ALA A 309 -19.78 3.79 1.96
C ALA A 309 -19.57 4.23 0.51
N GLY A 310 -18.72 5.24 0.30
CA GLY A 310 -18.44 5.68 -1.06
C GLY A 310 -17.72 4.62 -1.88
N MET A 311 -16.88 3.83 -1.24
CA MET A 311 -16.10 2.82 -1.96
C MET A 311 -17.00 1.78 -2.61
N THR A 312 -18.00 1.28 -1.89
CA THR A 312 -18.84 0.23 -2.43
C THR A 312 -19.84 0.79 -3.44
N VAL A 313 -20.26 2.04 -3.27
CA VAL A 313 -21.19 2.65 -4.24
C VAL A 313 -20.47 2.93 -5.55
N SER A 314 -19.24 3.44 -5.47
CA SER A 314 -18.50 3.78 -6.69
C SER A 314 -18.22 2.55 -7.54
N MET A 315 -17.92 1.43 -6.90
CA MET A 315 -17.64 0.20 -7.65
C MET A 315 -18.90 -0.32 -8.35
N TYR A 316 -20.06 -0.09 -7.75
CA TYR A 316 -21.30 -0.58 -8.35
C TYR A 316 -21.57 0.10 -9.69
N LEU A 317 -21.35 1.41 -9.77
CA LEU A 317 -21.58 2.12 -11.02
C LEU A 317 -20.57 1.71 -12.09
N PHE A 318 -19.33 1.41 -11.67
CA PHE A 318 -18.30 1.05 -12.64
C PHE A 318 -18.63 -0.23 -13.38
N ARG A 319 -19.16 -1.23 -12.66
CA ARG A 319 -19.47 -2.51 -13.29
C ARG A 319 -20.63 -2.40 -14.26
N VAL A 320 -21.64 -1.61 -13.91
CA VAL A 320 -22.90 -1.60 -14.66
C VAL A 320 -22.93 -0.48 -15.70
N THR A 321 -22.73 0.77 -15.27
CA THR A 321 -22.93 1.89 -16.17
C THR A 321 -21.86 1.93 -17.27
N VAL A 322 -20.61 1.62 -16.94
CA VAL A 322 -19.53 1.75 -17.91
C VAL A 322 -19.70 0.74 -19.03
N THR A 323 -19.59 1.22 -20.26
CA THR A 323 -19.68 0.37 -21.44
C THR A 323 -18.90 1.01 -22.57
N SER A 324 -19.01 0.43 -23.76
CA SER A 324 -18.30 0.95 -24.92
C SER A 324 -18.81 2.34 -25.30
N ASP A 325 -20.11 2.59 -25.11
CA ASP A 325 -20.68 3.87 -25.51
C ASP A 325 -20.29 4.99 -24.56
N SER A 326 -19.84 4.64 -23.36
CA SER A 326 -19.58 5.64 -22.34
C SER A 326 -18.44 6.55 -22.76
N PRO A 327 -18.53 7.85 -22.49
CA PRO A 327 -17.40 8.75 -22.81
C PRO A 327 -16.22 8.52 -21.88
N LYS A 328 -15.07 9.01 -22.31
CA LYS A 328 -13.84 8.81 -21.54
C LYS A 328 -13.92 9.47 -20.18
N LEU A 329 -14.62 10.61 -20.08
CA LEU A 329 -14.66 11.36 -18.84
C LEU A 329 -15.34 10.56 -17.73
N TRP A 330 -16.41 9.82 -18.06
CA TRP A 330 -17.15 9.10 -17.05
C TRP A 330 -16.33 7.96 -16.47
N ILE A 331 -15.44 7.37 -17.27
CA ILE A 331 -14.56 6.32 -16.76
C ILE A 331 -13.61 6.88 -15.72
N LEU A 332 -13.01 8.04 -16.00
CA LEU A 332 -11.99 8.59 -15.11
C LEU A 332 -12.60 9.05 -13.79
N VAL A 333 -13.78 9.67 -13.84
CA VAL A 333 -14.36 10.23 -12.63
C VAL A 333 -14.71 9.14 -11.62
N LEU A 334 -15.14 7.98 -12.12
CA LEU A 334 -15.39 6.85 -11.22
C LEU A 334 -14.09 6.37 -10.58
N GLY A 335 -13.00 6.35 -11.35
CA GLY A 335 -11.72 5.95 -10.79
C GLY A 335 -11.21 6.94 -9.75
N ALA A 336 -11.36 8.24 -10.02
CA ALA A 336 -10.88 9.25 -9.08
C ALA A 336 -11.64 9.19 -7.77
N VAL A 337 -12.96 9.02 -7.83
CA VAL A 337 -13.76 8.95 -6.62
C VAL A 337 -13.42 7.69 -5.82
N PHE A 338 -13.18 6.58 -6.52
CA PHE A 338 -12.78 5.35 -5.83
C PHE A 338 -11.43 5.54 -5.14
N GLY A 339 -10.49 6.22 -5.79
CA GLY A 339 -9.20 6.45 -5.17
C GLY A 339 -9.30 7.27 -3.90
N PHE A 340 -10.14 8.30 -3.91
CA PHE A 340 -10.37 9.08 -2.71
C PHE A 340 -11.00 8.23 -1.60
N SER A 341 -11.97 7.40 -1.96
CA SER A 341 -12.70 6.64 -0.96
C SER A 341 -11.94 5.41 -0.50
N SER A 342 -10.90 5.01 -1.25
CA SER A 342 -10.16 3.81 -0.88
C SER A 342 -8.96 4.15 0.01
N TYR A 343 -8.16 5.13 -0.41
CA TYR A 343 -6.94 5.45 0.33
C TYR A 343 -7.26 6.15 1.65
N GLY A 344 -8.45 6.76 1.76
CA GLY A 344 -8.84 7.45 2.96
C GLY A 344 -8.92 6.59 4.21
N PRO A 345 -9.60 5.44 4.17
CA PRO A 345 -9.59 4.56 5.35
C PRO A 345 -8.20 4.10 5.76
N ILE A 346 -7.31 3.87 4.79
CA ILE A 346 -5.98 3.36 5.10
C ILE A 346 -5.23 4.34 5.99
N ALA A 347 -5.34 5.64 5.69
CA ALA A 347 -4.71 6.64 6.55
C ALA A 347 -5.33 6.65 7.94
N LEU A 348 -6.65 6.52 8.02
CA LEU A 348 -7.32 6.57 9.32
C LEU A 348 -6.99 5.34 10.16
N PHE A 349 -6.84 4.18 9.52
CA PHE A 349 -6.58 2.95 10.25
C PHE A 349 -5.25 3.03 10.99
N GLY A 350 -4.27 3.72 10.43
CA GLY A 350 -3.00 3.88 11.14
C GLY A 350 -3.12 4.71 12.40
N VAL A 351 -3.87 5.82 12.32
CA VAL A 351 -4.01 6.70 13.48
C VAL A 351 -4.81 6.01 14.58
N ILE A 352 -5.88 5.31 14.21
CA ILE A 352 -6.73 4.66 15.20
C ILE A 352 -5.96 3.60 15.97
N ALA A 353 -5.12 2.83 15.28
CA ALA A 353 -4.38 1.77 15.94
C ALA A 353 -3.41 2.33 16.99
N ASN A 354 -2.83 3.49 16.72
CA ASN A 354 -1.83 4.04 17.65
C ASN A 354 -2.46 4.44 18.97
N GLU A 355 -3.58 5.16 18.93
CA GLU A 355 -4.17 5.66 20.17
C GLU A 355 -4.80 4.53 20.97
N SER A 356 -5.37 3.52 20.30
CA SER A 356 -6.03 2.44 21.00
C SER A 356 -5.03 1.48 21.64
N ALA A 357 -3.84 1.38 21.06
CA ALA A 357 -2.88 0.39 21.52
C ALA A 357 -2.39 0.72 22.92
N PRO A 358 -2.08 -0.28 23.74
CA PRO A 358 -1.46 -0.01 25.04
C PRO A 358 -0.10 0.62 24.87
N PRO A 359 0.29 1.53 25.77
CA PRO A 359 1.58 2.23 25.58
C PRO A 359 2.78 1.31 25.56
N ASN A 360 2.76 0.24 26.35
CA ASN A 360 3.93 -0.64 26.42
C ASN A 360 4.06 -1.50 25.17
N LEU A 361 2.93 -1.86 24.55
CA LEU A 361 2.92 -2.69 23.35
C LEU A 361 2.55 -1.90 22.10
N CYS A 362 3.00 -0.65 21.99
CA CYS A 362 2.66 0.16 20.83
C CYS A 362 3.24 -0.42 19.55
N GLY A 363 4.50 -0.87 19.60
CA GLY A 363 5.13 -1.39 18.39
C GLY A 363 4.51 -2.67 17.89
N THR A 364 4.20 -3.59 18.80
CA THR A 364 3.68 -4.90 18.40
C THR A 364 2.29 -4.78 17.79
N SER A 365 1.50 -3.81 18.26
CA SER A 365 0.14 -3.66 17.76
C SER A 365 0.13 -3.34 16.27
N HIS A 366 1.03 -2.47 15.82
CA HIS A 366 1.08 -2.13 14.40
C HIS A 366 1.56 -3.30 13.56
N ALA A 367 2.46 -4.12 14.10
CA ALA A 367 2.96 -5.26 13.35
C ALA A 367 1.87 -6.29 13.09
N ILE A 368 0.99 -6.51 14.07
CA ILE A 368 -0.09 -7.48 13.91
C ILE A 368 -1.04 -7.03 12.80
N VAL A 369 -1.38 -5.74 12.77
CA VAL A 369 -2.27 -5.22 11.72
C VAL A 369 -1.60 -5.35 10.36
N GLY A 370 -0.29 -5.15 10.30
CA GLY A 370 0.41 -5.28 9.04
C GLY A 370 0.41 -6.71 8.51
N LEU A 371 0.42 -7.70 9.41
CA LEU A 371 0.41 -9.09 8.99
C LEU A 371 -0.88 -9.44 8.24
N MET A 372 -2.02 -9.05 8.81
CA MET A 372 -3.29 -9.34 8.13
C MET A 372 -3.51 -8.38 6.96
N ALA A 373 -2.74 -7.30 6.91
CA ALA A 373 -2.83 -6.39 5.77
C ALA A 373 -2.45 -7.08 4.48
N ASN A 374 -1.33 -7.82 4.48
CA ASN A 374 -0.83 -8.42 3.25
C ASN A 374 -1.60 -9.67 2.89
N VAL A 375 -2.33 -10.26 3.85
CA VAL A 375 -3.17 -11.41 3.55
C VAL A 375 -4.27 -11.01 2.58
N GLY A 376 -4.81 -9.79 2.73
CA GLY A 376 -5.78 -9.29 1.78
C GLY A 376 -5.19 -9.13 0.39
N GLY A 377 -3.93 -8.72 0.31
CA GLY A 377 -3.27 -8.65 -0.99
C GLY A 377 -3.06 -10.02 -1.61
N PHE A 378 -2.80 -11.04 -0.78
CA PHE A 378 -2.65 -12.39 -1.30
C PHE A 378 -3.93 -12.89 -1.93
N LEU A 379 -5.08 -12.60 -1.30
CA LEU A 379 -6.36 -13.08 -1.84
C LEU A 379 -6.70 -12.39 -3.15
N ALA A 380 -6.12 -11.22 -3.40
CA ALA A 380 -6.35 -10.52 -4.65
C ALA A 380 -5.53 -11.07 -5.81
N GLY A 381 -4.72 -12.10 -5.56
CA GLY A 381 -3.90 -12.67 -6.61
C GLY A 381 -4.51 -13.90 -7.23
N LEU A 382 -3.99 -15.08 -6.88
CA LEU A 382 -4.49 -16.32 -7.47
C LEU A 382 -5.95 -16.60 -7.13
N PRO A 383 -6.42 -16.50 -5.88
CA PRO A 383 -7.84 -16.82 -5.61
C PRO A 383 -8.82 -15.96 -6.40
N PHE A 384 -8.53 -14.67 -6.57
CA PHE A 384 -9.43 -13.81 -7.32
C PHE A 384 -9.38 -14.13 -8.81
N SER A 385 -8.19 -14.41 -9.33
CA SER A 385 -8.04 -14.68 -10.76
C SER A 385 -8.72 -16.00 -11.13
N THR A 386 -8.73 -16.97 -10.22
CA THR A 386 -9.34 -18.26 -10.51
C THR A 386 -10.84 -18.12 -10.76
N ILE A 387 -11.52 -17.31 -9.94
CA ILE A 387 -12.96 -17.09 -10.13
C ILE A 387 -13.20 -16.40 -11.46
N ALA A 388 -12.35 -15.42 -11.81
CA ALA A 388 -12.53 -14.70 -13.07
C ALA A 388 -12.39 -15.63 -14.26
N LYS A 389 -11.40 -16.53 -14.23
CA LYS A 389 -11.17 -17.42 -15.37
C LYS A 389 -12.32 -18.39 -15.56
N HIS A 390 -12.90 -18.89 -14.46
CA HIS A 390 -13.93 -19.91 -14.58
C HIS A 390 -15.19 -19.38 -15.23
N TYR A 391 -15.66 -18.20 -14.82
CA TYR A 391 -16.91 -17.67 -15.35
C TYR A 391 -16.61 -16.43 -16.19
N SER A 392 -16.06 -15.36 -15.60
CA SER A 392 -15.86 -14.10 -16.31
C SER A 392 -15.19 -13.11 -15.37
N TRP A 393 -14.66 -12.03 -15.95
CA TRP A 393 -14.15 -10.94 -15.14
C TRP A 393 -15.26 -10.26 -14.35
N SER A 394 -16.43 -10.10 -14.97
CA SER A 394 -17.55 -9.46 -14.29
C SER A 394 -18.00 -10.25 -13.08
N THR A 395 -18.01 -11.59 -13.19
CA THR A 395 -18.42 -12.42 -12.07
C THR A 395 -17.48 -12.24 -10.88
N ALA A 396 -16.18 -12.19 -11.13
CA ALA A 396 -15.22 -12.01 -10.03
C ALA A 396 -15.38 -10.66 -9.37
N PHE A 397 -15.61 -9.60 -10.15
CA PHE A 397 -15.76 -8.27 -9.57
C PHE A 397 -17.05 -8.16 -8.78
N TRP A 398 -18.07 -8.93 -9.15
CA TRP A 398 -19.31 -8.94 -8.37
C TRP A 398 -19.06 -9.48 -6.96
N VAL A 399 -18.21 -10.50 -6.84
CA VAL A 399 -17.91 -11.06 -5.54
C VAL A 399 -17.19 -10.03 -4.66
N ALA A 400 -16.26 -9.28 -5.26
CA ALA A 400 -15.55 -8.25 -4.51
C ALA A 400 -16.50 -7.16 -4.02
N GLU A 401 -17.50 -6.83 -4.84
CA GLU A 401 -18.48 -5.81 -4.43
C GLU A 401 -19.30 -6.28 -3.23
N VAL A 402 -19.71 -7.54 -3.22
CA VAL A 402 -20.54 -8.06 -2.14
C VAL A 402 -19.77 -8.06 -0.83
N ILE A 403 -18.51 -8.51 -0.86
CA ILE A 403 -17.72 -8.61 0.36
C ILE A 403 -17.52 -7.24 0.99
N CYS A 404 -17.22 -6.23 0.16
CA CYS A 404 -16.99 -4.89 0.69
C CYS A 404 -18.26 -4.33 1.33
N ALA A 405 -19.41 -4.56 0.72
CA ALA A 405 -20.67 -4.06 1.26
C ALA A 405 -20.99 -4.70 2.61
N ALA A 406 -20.75 -6.00 2.74
CA ALA A 406 -21.08 -6.71 3.97
C ALA A 406 -20.20 -6.24 5.13
N SER A 407 -18.94 -5.94 4.85
CA SER A 407 -18.03 -5.50 5.91
C SER A 407 -18.48 -4.17 6.51
N THR A 408 -18.97 -3.25 5.67
CA THR A 408 -19.39 -1.95 6.16
C THR A 408 -20.55 -2.07 7.13
N ALA A 409 -21.53 -2.93 6.82
CA ALA A 409 -22.67 -3.12 7.71
C ALA A 409 -22.23 -3.71 9.04
N ALA A 410 -21.35 -4.70 9.01
CA ALA A 410 -20.86 -5.31 10.25
C ALA A 410 -20.09 -4.30 11.09
N PHE A 411 -19.23 -3.50 10.45
CA PHE A 411 -18.47 -2.50 11.18
C PHE A 411 -19.39 -1.40 11.71
N PHE A 412 -20.50 -1.14 11.02
CA PHE A 412 -21.47 -0.16 11.50
C PHE A 412 -22.07 -0.57 12.83
N LEU A 413 -22.46 -1.85 12.95
CA LEU A 413 -23.13 -2.29 14.17
C LEU A 413 -22.16 -2.32 15.35
N LEU A 414 -20.87 -2.48 15.07
CA LEU A 414 -19.84 -2.53 16.11
C LEU A 414 -19.16 -1.19 16.31
N ARG A 415 -19.86 -0.08 16.05
CA ARG A 415 -19.25 1.23 16.23
C ARG A 415 -19.15 1.63 17.69
N ASN A 416 -19.94 1.03 18.57
CA ASN A 416 -19.98 1.40 19.97
C ASN A 416 -19.30 0.40 20.89
N ILE A 417 -18.53 -0.55 20.34
CA ILE A 417 -17.83 -1.50 21.18
C ILE A 417 -16.65 -0.82 21.86
N ARG A 418 -16.12 -1.49 22.89
CA ARG A 418 -14.93 -1.00 23.56
C ARG A 418 -13.74 -1.03 22.62
N THR A 419 -12.94 0.03 22.63
CA THR A 419 -11.80 0.17 21.72
C THR A 419 -10.46 0.08 22.40
N LYS A 420 -10.33 0.57 23.62
CA LYS A 420 -9.05 0.54 24.33
C LYS A 420 -8.65 -0.90 24.59
N MET A 421 -7.65 -1.39 23.85
CA MET A 421 -7.20 -2.76 24.00
C MET A 421 -6.56 -2.98 25.36
N GLY A 422 -6.65 -4.22 25.85
CA GLY A 422 -6.06 -4.59 27.12
C GLY A 422 -7.05 -4.48 28.26
N ARG A 423 -6.64 -5.04 29.40
CA ARG A 423 -7.48 -5.06 30.60
C ARG A 423 -7.73 -3.64 31.11
N VAL A 424 -8.99 -3.26 31.22
CA VAL A 424 -9.39 -1.93 31.66
C VAL A 424 -10.17 -2.07 32.96
N SER A 425 -9.71 -1.39 34.01
CA SER A 425 -10.36 -1.45 35.31
C SER A 425 -11.58 -0.53 35.37
C4 A1EG7 B . 1.23 1.41 10.25
C5 A1EG7 B . 1.74 1.82 8.88
C6 A1EG7 B . 2.07 0.64 7.96
C7 A1EG7 B . 2.39 1.17 6.54
C15 A1EG7 B . 1.77 5.22 13.18
C17 A1EG7 B . 1.92 7.09 14.80
C20 A1EG7 B . -0.17 8.41 13.53
C21 A1EG7 B . 0.26 7.18 13.07
C1 A1EG7 B . 0.90 -0.33 7.91
C2 A1EG7 B . 0.42 -0.75 9.30
C3 A1EG7 B . 0.04 0.47 10.12
O8 A1EG7 B . 1.45 1.61 5.88
O9 A1EG7 B . 3.59 1.10 6.21
O10 A1EG7 B . 3.23 -0.02 8.44
O11 A1EG7 B . 0.82 2.63 10.92
C12 A1EG7 B . 1.68 3.21 11.76
O13 A1EG7 B . 2.74 2.72 12.07
C14 A1EG7 B . 1.16 4.49 12.24
C16 A1EG7 B . 1.31 6.50 13.70
C18 A1EG7 B . 1.50 8.33 15.27
C19 A1EG7 B . 0.45 8.99 14.64
O22 A1EG7 B . 0.03 10.20 15.10
O23 A1EG7 B . 2.09 8.90 16.35
O24 A1EG7 B . -0.36 0.06 11.42
O25 A1EG7 B . 1.41 -1.51 9.98
#